data_2UXU
#
_entry.id   2UXU
#
_cell.length_a   46.640
_cell.length_b   230.650
_cell.length_c   43.966
_cell.angle_alpha   90.00
_cell.angle_beta   90.00
_cell.angle_gamma   90.00
#
_symmetry.space_group_name_H-M   'P 21 21 2'
#
loop_
_entity.id
_entity.type
_entity.pdbx_description
1 polymer 'HTH-TYPE TRANSCRIPTIONAL REGULATOR TTGR'
2 non-polymer NARINGENIN
3 water water
#
_entity_poly.entity_id   1
_entity_poly.type   'polypeptide(L)'
_entity_poly.pdbx_seq_one_letter_code
;MVRRTKEEAQETRAQIIEAAERAFYKRGVARTTLADIAELAGVTRGAIYWHFNNKAELVQALLDSLHETHDHLARASESE
DEVDPLGCMRKLLLQVFNELVLDARTRRINEILHHKCEFTDDMCEIRQQRQSAVLDCHKGITLALANAVRRGQLPGELDA
ERAAVAMFAYVDGLIRRWLLLPDSVDLLGDVEKWVDTGLDMLRLSPALRK
;
_entity_poly.pdbx_strand_id   A,B
#
loop_
_chem_comp.id
_chem_comp.type
_chem_comp.name
_chem_comp.formula
NAR non-polymer NARINGENIN 'C15 H12 O5'
#
# COMPACT_ATOMS: atom_id res chain seq x y z
N THR A 5 -14.90 21.42 32.80
CA THR A 5 -14.00 20.72 33.75
C THR A 5 -13.01 19.84 33.00
N LYS A 6 -11.75 20.29 32.95
CA LYS A 6 -10.61 19.53 32.33
C LYS A 6 -10.86 18.01 31.99
N GLU A 7 -11.35 17.26 32.98
CA GLU A 7 -11.75 15.85 32.80
C GLU A 7 -12.92 15.64 31.81
N GLU A 8 -13.80 16.62 31.69
CA GLU A 8 -14.88 16.58 30.72
C GLU A 8 -14.34 16.80 29.30
N ALA A 9 -13.33 17.66 29.20
CA ALA A 9 -12.68 17.95 27.95
C ALA A 9 -11.97 16.69 27.46
N GLN A 10 -11.19 16.08 28.36
CA GLN A 10 -10.46 14.87 28.04
C GLN A 10 -11.46 13.80 27.59
N GLU A 11 -12.62 13.75 28.24
CA GLU A 11 -13.65 12.82 27.84
C GLU A 11 -14.13 13.11 26.45
N THR A 12 -14.17 14.40 26.09
CA THR A 12 -14.81 14.80 24.83
C THR A 12 -13.84 14.91 23.68
N ARG A 13 -12.53 14.88 23.96
CA ARG A 13 -11.54 14.67 22.90
C ARG A 13 -11.60 13.25 22.52
N ALA A 14 -11.86 12.39 23.48
CA ALA A 14 -11.64 11.01 23.27
C ALA A 14 -12.84 10.45 22.55
N GLN A 15 -13.98 11.14 22.71
CA GLN A 15 -15.20 10.79 22.00
C GLN A 15 -15.31 11.50 20.63
N ILE A 16 -14.52 12.54 20.42
CA ILE A 16 -14.43 13.12 19.07
C ILE A 16 -13.65 12.18 18.19
N ILE A 17 -12.56 11.65 18.73
CA ILE A 17 -11.77 10.69 18.04
C ILE A 17 -12.53 9.39 17.74
N GLU A 18 -13.22 8.81 18.74
CA GLU A 18 -14.09 7.59 18.50
C GLU A 18 -15.05 7.71 17.32
N ALA A 19 -15.78 8.82 17.24
CA ALA A 19 -16.72 9.11 16.16
C ALA A 19 -16.10 9.45 14.79
N ALA A 20 -14.90 10.04 14.80
CA ALA A 20 -14.17 10.31 13.58
C ALA A 20 -13.81 9.00 12.89
N GLU A 21 -13.44 8.06 13.70
CA GLU A 21 -13.08 6.76 13.24
C GLU A 21 -14.29 6.09 12.55
N ARG A 22 -15.40 5.97 13.26
CA ARG A 22 -16.65 5.43 12.67
C ARG A 22 -17.11 6.27 11.45
N ALA A 23 -17.00 7.58 11.58
CA ALA A 23 -17.30 8.52 10.53
C ALA A 23 -16.42 8.33 9.27
N PHE A 24 -15.08 8.30 9.43
CA PHE A 24 -14.23 8.10 8.24
C PHE A 24 -14.41 6.71 7.69
N TYR A 25 -14.60 5.75 8.57
CA TYR A 25 -14.75 4.34 8.12
C TYR A 25 -16.00 4.12 7.14
N LYS A 26 -17.11 4.73 7.44
CA LYS A 26 -18.30 4.52 6.63
C LYS A 26 -18.35 5.42 5.41
N ARG A 27 -18.02 6.70 5.60
CA ARG A 27 -18.15 7.72 4.56
C ARG A 27 -16.79 8.12 3.93
N GLY A 28 -15.70 7.67 4.55
CA GLY A 28 -14.35 8.02 4.10
C GLY A 28 -13.95 9.43 4.52
N VAL A 29 -12.66 9.73 4.49
CA VAL A 29 -12.12 11.02 4.92
C VAL A 29 -12.51 12.16 4.01
N ALA A 30 -12.58 11.92 2.71
CA ALA A 30 -12.82 13.03 1.71
C ALA A 30 -14.16 13.81 1.85
N ARG A 31 -15.26 13.07 2.05
CA ARG A 31 -16.61 13.65 2.08
C ARG A 31 -17.22 13.74 3.48
N THR A 32 -16.35 13.72 4.50
CA THR A 32 -16.78 13.80 5.89
C THR A 32 -16.12 14.99 6.48
N THR A 33 -16.92 15.88 7.03
CA THR A 33 -16.33 17.00 7.66
C THR A 33 -16.64 17.11 9.14
N LEU A 34 -15.86 17.93 9.82
CA LEU A 34 -16.01 18.13 11.30
C LEU A 34 -17.44 18.26 11.79
N ALA A 35 -18.24 19.02 11.03
CA ALA A 35 -19.63 19.21 11.36
C ALA A 35 -20.31 17.85 11.61
N ASP A 36 -19.94 16.86 10.80
CA ASP A 36 -20.66 15.59 10.74
C ASP A 36 -20.18 14.68 11.85
N ILE A 37 -18.98 14.97 12.34
CA ILE A 37 -18.37 14.19 13.43
C ILE A 37 -18.90 14.68 14.77
N ALA A 38 -19.35 15.93 14.81
CA ALA A 38 -20.03 16.48 15.98
C ALA A 38 -21.39 15.84 16.19
N GLU A 39 -22.19 15.77 15.13
CA GLU A 39 -23.50 15.11 15.23
C GLU A 39 -23.31 13.66 15.60
N LEU A 40 -22.31 13.02 14.98
CA LEU A 40 -22.02 11.61 15.24
C LEU A 40 -21.75 11.41 16.72
N ALA A 41 -20.76 12.13 17.25
CA ALA A 41 -20.38 12.00 18.64
C ALA A 41 -21.48 12.50 19.62
N GLY A 42 -22.30 13.45 19.15
CA GLY A 42 -23.30 14.10 20.00
C GLY A 42 -22.67 15.22 20.80
N VAL A 43 -21.91 16.09 20.12
CA VAL A 43 -21.03 16.99 20.82
C VAL A 43 -21.52 18.39 20.80
N THR A 44 -20.65 19.26 21.40
CA THR A 44 -20.88 20.74 21.25
C THR A 44 -19.93 21.16 20.11
N ARG A 45 -20.08 22.44 19.66
CA ARG A 45 -19.64 22.72 18.23
C ARG A 45 -18.21 23.29 18.08
N GLY A 46 -17.90 24.32 18.87
CA GLY A 46 -16.51 24.82 18.92
C GLY A 46 -15.66 23.79 19.61
N ALA A 47 -16.31 22.93 20.39
CA ALA A 47 -15.63 21.80 21.01
C ALA A 47 -14.63 21.16 20.05
N ILE A 48 -15.13 20.44 19.05
CA ILE A 48 -14.28 19.86 18.00
C ILE A 48 -13.27 20.84 17.37
N TYR A 49 -13.56 22.15 17.49
CA TYR A 49 -12.68 23.19 16.97
C TYR A 49 -11.61 23.63 17.96
N TRP A 50 -11.98 23.65 19.24
CA TRP A 50 -11.04 23.78 20.35
C TRP A 50 -9.97 22.68 20.22
N HIS A 51 -10.44 21.43 20.31
CA HIS A 51 -9.61 20.24 20.16
C HIS A 51 -8.99 20.18 18.79
N PHE A 52 -9.85 20.30 17.79
CA PHE A 52 -9.48 20.04 16.41
C PHE A 52 -9.84 20.87 15.25
N ASN A 53 -8.81 21.53 14.80
CA ASN A 53 -8.69 22.72 14.12
C ASN A 53 -9.34 22.51 12.76
N ASN A 54 -9.21 21.25 12.28
CA ASN A 54 -9.05 20.96 10.86
C ASN A 54 -9.88 19.82 10.31
N LYS A 55 -9.20 18.93 9.61
CA LYS A 55 -9.60 17.57 9.47
C LYS A 55 -8.32 16.81 9.42
N ALA A 56 -7.35 17.35 8.70
CA ALA A 56 -5.99 16.85 8.71
C ALA A 56 -5.46 16.60 10.15
N GLU A 57 -5.99 17.34 11.09
CA GLU A 57 -5.47 17.39 12.45
C GLU A 57 -6.03 16.22 13.18
N LEU A 58 -7.32 16.01 12.97
CA LEU A 58 -8.04 14.88 13.47
C LEU A 58 -7.59 13.54 12.84
N VAL A 59 -7.35 13.56 11.53
CA VAL A 59 -6.80 12.39 10.82
C VAL A 59 -5.46 11.96 11.43
N GLN A 60 -4.65 12.95 11.73
CA GLN A 60 -3.35 12.77 12.28
C GLN A 60 -3.39 12.27 13.71
N ALA A 61 -4.45 12.64 14.44
CA ALA A 61 -4.68 12.09 15.80
C ALA A 61 -4.92 10.57 15.74
N LEU A 62 -5.65 10.12 14.71
CA LEU A 62 -5.92 8.69 14.48
C LEU A 62 -4.66 7.93 14.06
N LEU A 63 -4.01 8.40 13.00
CA LEU A 63 -2.73 7.81 12.60
C LEU A 63 -1.72 7.78 13.73
N ASP A 64 -1.83 8.73 14.66
CA ASP A 64 -0.90 8.81 15.83
C ASP A 64 -1.19 7.76 16.91
N SER A 65 -2.46 7.58 17.25
CA SER A 65 -2.88 6.53 18.24
C SER A 65 -2.29 5.18 17.96
N LEU A 66 -2.00 4.90 16.69
CA LEU A 66 -1.49 3.57 16.26
C LEU A 66 -0.15 3.18 16.90
N HIS A 67 0.75 4.16 17.02
CA HIS A 67 2.13 3.92 17.53
C HIS A 67 2.15 3.52 19.00
N GLU A 68 1.27 4.14 19.79
CA GLU A 68 1.17 3.91 21.23
C GLU A 68 1.51 2.45 21.69
N THR A 69 0.85 1.45 21.10
CA THR A 69 0.94 0.07 21.60
C THR A 69 2.33 -0.49 21.36
N HIS A 70 3.07 0.16 20.46
CA HIS A 70 4.37 -0.35 20.01
C HIS A 70 5.57 0.42 20.57
N ASP A 71 5.30 1.51 21.28
CA ASP A 71 6.33 2.37 21.83
C ASP A 71 7.49 1.55 22.36
N HIS A 72 7.18 0.65 23.30
CA HIS A 72 8.21 -0.03 24.11
C HIS A 72 9.21 -0.81 23.23
N LEU A 73 8.68 -1.77 22.48
CA LEU A 73 9.47 -2.62 21.58
C LEU A 73 10.18 -1.83 20.47
N ALA A 74 9.57 -0.71 20.06
CA ALA A 74 10.17 0.21 19.08
C ALA A 74 11.38 0.96 19.63
N ARG A 75 11.28 1.40 20.88
CA ARG A 75 12.36 2.14 21.56
C ARG A 75 13.58 1.26 21.81
N ALA A 76 13.32 0.03 22.27
CA ALA A 76 14.37 -0.93 22.57
C ALA A 76 15.14 -1.29 21.30
N SER A 77 14.39 -1.65 20.25
CA SER A 77 14.96 -1.91 18.93
C SER A 77 16.01 -0.88 18.50
N GLU A 78 15.73 0.39 18.73
CA GLU A 78 16.59 1.46 18.23
C GLU A 78 17.64 1.91 19.26
N SER A 79 17.55 1.33 20.47
CA SER A 79 18.58 1.57 21.52
C SER A 79 19.89 0.87 21.18
N GLU A 80 20.95 1.65 21.12
CA GLU A 80 22.26 1.18 20.77
C GLU A 80 22.85 0.29 21.88
N ASP A 81 22.26 0.36 23.08
CA ASP A 81 22.68 -0.54 24.21
C ASP A 81 21.85 -1.85 24.36
N GLU A 82 20.69 -1.92 23.72
CA GLU A 82 19.87 -3.14 23.73
C GLU A 82 20.59 -4.33 23.08
N VAL A 83 20.64 -5.45 23.80
CA VAL A 83 21.47 -6.59 23.38
C VAL A 83 20.87 -7.38 22.21
N ASP A 84 19.56 -7.29 22.04
CA ASP A 84 18.83 -8.12 21.06
C ASP A 84 17.94 -7.23 20.16
N PRO A 85 18.55 -6.25 19.47
CA PRO A 85 17.72 -5.28 18.82
C PRO A 85 16.87 -5.91 17.67
N LEU A 86 17.39 -6.94 17.03
CA LEU A 86 16.64 -7.65 15.99
C LEU A 86 15.51 -8.50 16.58
N GLY A 87 15.74 -9.04 17.77
CA GLY A 87 14.69 -9.72 18.53
C GLY A 87 13.56 -8.77 18.90
N CYS A 88 13.89 -7.55 19.25
CA CYS A 88 12.88 -6.50 19.40
C CYS A 88 12.09 -6.25 18.10
N MET A 89 12.81 -5.96 17.00
CA MET A 89 12.23 -5.84 15.67
C MET A 89 11.36 -6.99 15.33
N ARG A 90 11.79 -8.20 15.62
CA ARG A 90 10.95 -9.37 15.38
C ARG A 90 9.65 -9.31 16.17
N LYS A 91 9.75 -9.21 17.49
CA LYS A 91 8.57 -9.26 18.35
C LYS A 91 7.66 -8.01 18.17
N LEU A 92 8.28 -6.88 17.83
CA LEU A 92 7.52 -5.72 17.49
C LEU A 92 6.55 -6.00 16.33
N LEU A 93 7.02 -6.68 15.28
CA LEU A 93 6.19 -6.95 14.09
C LEU A 93 5.17 -8.00 14.39
N LEU A 94 5.42 -8.79 15.42
CA LEU A 94 4.52 -9.80 15.87
C LEU A 94 3.36 -9.07 16.53
N GLN A 95 3.65 -8.03 17.28
CA GLN A 95 2.62 -7.32 17.99
C GLN A 95 1.85 -6.46 17.04
N VAL A 96 2.51 -6.05 15.94
CA VAL A 96 1.85 -5.24 14.94
C VAL A 96 0.77 -6.02 14.24
N PHE A 97 1.12 -7.22 13.78
CA PHE A 97 0.18 -8.05 13.07
C PHE A 97 -0.87 -8.67 14.01
N ASN A 98 -0.46 -8.95 15.26
CA ASN A 98 -1.35 -9.54 16.27
C ASN A 98 -2.45 -8.60 16.55
N GLU A 99 -2.08 -7.34 16.78
CA GLU A 99 -3.03 -6.26 17.06
C GLU A 99 -3.96 -5.88 15.87
N LEU A 100 -3.37 -5.83 14.68
CA LEU A 100 -4.11 -5.74 13.43
C LEU A 100 -5.29 -6.74 13.36
N VAL A 101 -5.04 -8.00 13.66
CA VAL A 101 -6.11 -9.03 13.56
C VAL A 101 -7.13 -8.97 14.70
N LEU A 102 -6.62 -8.75 15.91
CA LEU A 102 -7.39 -8.83 17.14
C LEU A 102 -8.17 -7.53 17.45
N ASP A 103 -7.49 -6.38 17.32
CA ASP A 103 -8.03 -5.08 17.73
C ASP A 103 -8.78 -4.44 16.60
N ALA A 104 -10.11 -4.50 16.66
CA ALA A 104 -10.99 -3.80 15.67
C ALA A 104 -10.67 -2.33 15.41
N ARG A 105 -10.26 -1.62 16.45
CA ARG A 105 -9.93 -0.21 16.37
C ARG A 105 -8.75 -0.03 15.42
N THR A 106 -7.66 -0.77 15.69
CA THR A 106 -6.46 -0.76 14.87
C THR A 106 -6.76 -1.13 13.40
N ARG A 107 -7.55 -2.16 13.21
CA ARG A 107 -7.90 -2.60 11.88
C ARG A 107 -8.64 -1.54 11.15
N ARG A 108 -9.59 -0.88 11.82
CA ARG A 108 -10.40 0.24 11.19
C ARG A 108 -9.56 1.51 10.85
N ILE A 109 -8.75 1.92 11.78
CA ILE A 109 -7.89 3.08 11.56
C ILE A 109 -6.91 2.81 10.39
N ASN A 110 -6.48 1.56 10.24
CA ASN A 110 -5.65 1.14 9.12
C ASN A 110 -6.43 1.11 7.83
N GLU A 111 -7.63 0.62 7.92
CA GLU A 111 -8.52 0.62 6.76
C GLU A 111 -8.77 2.06 6.26
N ILE A 112 -9.03 2.97 7.19
CA ILE A 112 -9.12 4.43 6.89
C ILE A 112 -7.84 4.94 6.24
N LEU A 113 -6.71 4.77 6.93
CA LEU A 113 -5.38 5.12 6.45
C LEU A 113 -5.06 4.67 5.05
N HIS A 114 -5.34 3.39 4.78
CA HIS A 114 -5.05 2.74 3.48
C HIS A 114 -6.11 2.87 2.40
N HIS A 115 -7.40 2.85 2.77
CA HIS A 115 -8.46 2.70 1.78
C HIS A 115 -9.52 3.77 1.79
N LYS A 116 -9.48 4.68 2.77
CA LYS A 116 -10.50 5.74 2.86
C LYS A 116 -9.92 7.06 3.07
N CYS A 117 -8.76 7.31 2.52
CA CYS A 117 -8.13 8.60 2.72
C CYS A 117 -7.36 9.15 1.51
N GLU A 118 -8.05 9.88 0.66
CA GLU A 118 -7.41 10.50 -0.53
C GLU A 118 -6.40 11.62 -0.22
N PHE A 119 -5.35 11.68 -1.03
CA PHE A 119 -4.43 12.85 -1.09
C PHE A 119 -4.86 13.76 -2.22
N THR A 120 -5.31 14.96 -1.86
CA THR A 120 -5.77 15.98 -2.85
C THR A 120 -4.94 17.29 -2.65
N ASP A 121 -4.46 17.93 -3.74
CA ASP A 121 -3.76 19.26 -3.61
C ASP A 121 -4.62 20.22 -2.79
N ASP A 122 -5.79 19.70 -2.49
CA ASP A 122 -6.93 20.37 -1.94
C ASP A 122 -6.73 20.50 -0.45
N MET A 123 -5.84 19.69 0.07
CA MET A 123 -5.45 19.81 1.41
C MET A 123 -3.94 19.91 1.43
N CYS A 124 -3.24 18.83 1.14
CA CYS A 124 -1.77 18.87 1.17
C CYS A 124 -1.34 18.27 2.46
N GLU A 125 -2.10 18.62 3.50
CA GLU A 125 -1.67 18.33 4.81
C GLU A 125 -1.94 16.88 5.14
N ILE A 126 -2.85 16.24 4.40
CA ILE A 126 -3.00 14.81 4.64
C ILE A 126 -1.81 14.04 4.11
N ARG A 127 -1.41 14.35 2.87
CA ARG A 127 -0.23 13.77 2.23
C ARG A 127 1.08 14.14 2.93
N GLN A 128 1.24 15.43 3.23
CA GLN A 128 2.43 15.93 3.98
C GLN A 128 2.67 15.18 5.28
N GLN A 129 1.64 15.13 6.13
CA GLN A 129 1.63 14.35 7.39
C GLN A 129 2.17 12.97 7.17
N ARG A 130 1.61 12.32 6.18
CA ARG A 130 1.97 10.99 5.84
C ARG A 130 3.38 10.77 5.42
N GLN A 131 3.91 11.64 4.57
CA GLN A 131 5.33 11.57 4.23
C GLN A 131 6.18 11.65 5.47
N SER A 132 5.88 12.59 6.38
CA SER A 132 6.63 12.73 7.63
C SER A 132 6.60 11.48 8.44
N ALA A 133 5.41 11.00 8.68
CA ALA A 133 5.19 9.73 9.39
C ALA A 133 6.10 8.58 8.88
N VAL A 134 6.15 8.40 7.56
CA VAL A 134 6.89 7.30 6.94
C VAL A 134 8.39 7.58 7.01
N LEU A 135 8.79 8.84 6.84
CA LEU A 135 10.17 9.25 7.01
C LEU A 135 10.58 9.02 8.46
N ASP A 136 9.74 9.39 9.41
CA ASP A 136 10.01 9.05 10.79
C ASP A 136 10.18 7.55 10.99
N CYS A 137 9.15 6.80 10.69
CA CYS A 137 9.21 5.36 10.74
C CYS A 137 10.50 4.82 10.11
N HIS A 138 10.84 5.32 8.93
CA HIS A 138 12.10 4.98 8.25
C HIS A 138 13.32 5.19 9.17
N LYS A 139 13.45 6.40 9.70
CA LYS A 139 14.54 6.72 10.60
C LYS A 139 14.80 5.60 11.59
N GLY A 140 13.78 5.29 12.40
CA GLY A 140 13.88 4.13 13.33
C GLY A 140 14.26 2.76 12.75
N ILE A 141 13.62 2.31 11.67
CA ILE A 141 14.01 0.98 11.10
C ILE A 141 15.50 0.97 10.67
N THR A 142 16.03 2.13 10.31
CA THR A 142 17.44 2.27 9.93
C THR A 142 18.38 2.07 11.13
N LEU A 143 18.17 2.85 12.21
CA LEU A 143 18.86 2.67 13.50
C LEU A 143 18.80 1.26 13.98
N ALA A 144 17.57 0.77 14.16
CA ALA A 144 17.31 -0.63 14.49
C ALA A 144 18.17 -1.60 13.69
N LEU A 145 18.02 -1.56 12.37
CA LEU A 145 18.79 -2.44 11.53
C LEU A 145 20.27 -2.22 11.71
N ALA A 146 20.67 -0.95 11.89
CA ALA A 146 22.09 -0.56 12.12
C ALA A 146 22.65 -1.07 13.44
N ASN A 147 21.78 -1.17 14.45
CA ASN A 147 22.08 -1.91 15.69
C ASN A 147 22.19 -3.42 15.53
N ALA A 148 21.27 -4.02 14.78
CA ALA A 148 21.36 -5.43 14.57
C ALA A 148 22.70 -5.73 13.87
N VAL A 149 23.24 -4.74 13.18
CA VAL A 149 24.37 -5.03 12.32
C VAL A 149 25.66 -4.93 13.11
N ARG A 150 25.78 -3.89 13.92
CA ARG A 150 26.93 -3.79 14.80
C ARG A 150 27.12 -5.12 15.48
N ARG A 151 26.00 -5.79 15.71
CA ARG A 151 25.97 -6.94 16.59
C ARG A 151 25.91 -8.26 15.85
N GLY A 152 26.11 -8.22 14.55
CA GLY A 152 26.33 -9.42 13.77
C GLY A 152 25.13 -10.34 13.80
N GLN A 153 23.94 -9.73 13.96
CA GLN A 153 22.63 -10.40 13.76
C GLN A 153 22.18 -10.35 12.30
N LEU A 154 22.62 -9.35 11.55
CA LEU A 154 22.36 -9.30 10.10
C LEU A 154 23.68 -9.18 9.36
N PRO A 155 23.71 -9.63 8.08
CA PRO A 155 24.90 -9.59 7.25
C PRO A 155 25.64 -8.29 7.40
N GLY A 156 26.98 -8.37 7.46
CA GLY A 156 27.81 -7.23 7.87
C GLY A 156 27.86 -6.11 6.86
N GLU A 157 27.75 -6.46 5.58
CA GLU A 157 27.79 -5.44 4.53
C GLU A 157 26.38 -4.91 4.12
N LEU A 158 25.35 -5.24 4.89
CA LEU A 158 23.97 -4.79 4.62
C LEU A 158 23.88 -3.29 4.44
N ASP A 159 23.13 -2.85 3.41
CA ASP A 159 22.73 -1.44 3.29
C ASP A 159 21.58 -1.28 4.20
N ALA A 160 21.75 -0.51 5.26
CA ALA A 160 20.70 -0.37 6.26
C ALA A 160 19.50 0.34 5.62
N GLU A 161 19.76 1.44 4.92
CA GLU A 161 18.71 2.27 4.38
C GLU A 161 17.84 1.53 3.38
N ARG A 162 18.45 0.91 2.38
CA ARG A 162 17.67 0.17 1.38
C ARG A 162 16.96 -1.03 1.98
N ALA A 163 17.56 -1.62 3.00
CA ALA A 163 16.96 -2.73 3.74
C ALA A 163 15.77 -2.26 4.50
N ALA A 164 15.83 -1.03 5.04
CA ALA A 164 14.69 -0.51 5.85
C ALA A 164 13.51 -0.26 4.96
N VAL A 165 13.80 0.23 3.74
CA VAL A 165 12.78 0.49 2.73
C VAL A 165 12.12 -0.77 2.26
N ALA A 166 12.94 -1.80 1.95
CA ALA A 166 12.48 -3.15 1.54
C ALA A 166 11.53 -3.75 2.52
N MET A 167 11.90 -3.67 3.78
CA MET A 167 11.13 -4.13 4.90
C MET A 167 9.85 -3.37 5.13
N PHE A 168 9.93 -2.05 5.20
CA PHE A 168 8.72 -1.23 5.26
C PHE A 168 7.71 -1.59 4.14
N ALA A 169 8.18 -1.64 2.90
CA ALA A 169 7.32 -1.97 1.76
C ALA A 169 6.62 -3.29 1.93
N TYR A 170 7.37 -4.32 2.24
CA TYR A 170 6.80 -5.64 2.49
C TYR A 170 5.70 -5.66 3.60
N VAL A 171 6.00 -5.02 4.73
CA VAL A 171 5.04 -4.98 5.84
C VAL A 171 3.81 -4.11 5.47
N ASP A 172 4.06 -2.96 4.83
CA ASP A 172 2.96 -2.11 4.39
C ASP A 172 2.03 -2.83 3.34
N GLY A 173 2.61 -3.42 2.29
CA GLY A 173 1.81 -4.14 1.29
C GLY A 173 1.17 -5.36 1.87
N LEU A 174 1.77 -5.93 2.88
CA LEU A 174 1.19 -7.16 3.47
C LEU A 174 -0.04 -6.79 4.25
N ILE A 175 0.09 -5.77 5.06
CA ILE A 175 -1.06 -5.23 5.83
C ILE A 175 -2.23 -4.84 4.92
N ARG A 176 -1.94 -4.05 3.88
CA ARG A 176 -2.94 -3.63 2.88
C ARG A 176 -3.62 -4.83 2.19
N ARG A 177 -2.82 -5.81 1.74
CA ARG A 177 -3.31 -7.07 1.16
C ARG A 177 -4.39 -7.76 2.05
N TRP A 178 -4.06 -7.94 3.31
CA TRP A 178 -5.00 -8.48 4.27
C TRP A 178 -6.27 -7.59 4.42
N LEU A 179 -6.13 -6.28 4.49
CA LEU A 179 -7.32 -5.45 4.60
C LEU A 179 -8.23 -5.59 3.39
N LEU A 180 -7.65 -5.97 2.28
CA LEU A 180 -8.38 -6.05 1.04
C LEU A 180 -8.99 -7.42 0.85
N LEU A 181 -8.20 -8.46 1.12
CA LEU A 181 -8.62 -9.83 1.00
C LEU A 181 -8.12 -10.58 2.22
N PRO A 182 -8.80 -10.41 3.37
CA PRO A 182 -8.31 -10.99 4.59
C PRO A 182 -8.24 -12.50 4.59
N ASP A 183 -9.18 -13.14 3.91
CA ASP A 183 -9.25 -14.63 3.88
C ASP A 183 -8.20 -15.27 2.98
N SER A 184 -7.20 -14.49 2.61
CA SER A 184 -6.12 -14.95 1.71
C SER A 184 -4.75 -14.90 2.42
N VAL A 185 -4.78 -14.54 3.69
CA VAL A 185 -3.56 -14.45 4.50
C VAL A 185 -3.98 -14.77 5.93
N ASP A 186 -3.63 -15.97 6.40
CA ASP A 186 -3.87 -16.26 7.79
C ASP A 186 -2.87 -15.49 8.61
N LEU A 187 -3.18 -14.22 8.80
CA LEU A 187 -2.25 -13.34 9.42
C LEU A 187 -2.09 -13.71 10.87
N LEU A 188 -3.18 -14.15 11.51
CA LEU A 188 -3.10 -14.58 12.90
C LEU A 188 -2.55 -15.98 13.10
N GLY A 189 -2.99 -16.92 12.27
CA GLY A 189 -2.43 -18.27 12.33
C GLY A 189 -0.95 -18.29 12.04
N ASP A 190 -0.55 -17.67 10.91
CA ASP A 190 0.83 -17.80 10.36
C ASP A 190 1.80 -16.73 10.80
N VAL A 191 1.42 -15.88 11.78
CA VAL A 191 2.11 -14.55 12.00
C VAL A 191 3.58 -14.63 11.95
N GLU A 192 4.11 -15.72 12.50
CA GLU A 192 5.55 -15.92 12.60
C GLU A 192 6.14 -16.20 11.26
N LYS A 193 5.38 -16.81 10.36
CA LYS A 193 5.85 -17.01 8.99
C LYS A 193 6.02 -15.68 8.21
N TRP A 194 5.05 -14.79 8.38
CA TRP A 194 5.06 -13.51 7.69
C TRP A 194 6.13 -12.56 8.20
N VAL A 195 6.25 -12.44 9.50
CA VAL A 195 7.34 -11.68 10.06
C VAL A 195 8.65 -12.20 9.57
N ASP A 196 8.73 -13.55 9.42
CA ASP A 196 9.98 -14.30 9.25
C ASP A 196 10.47 -14.09 7.87
N THR A 197 9.55 -14.26 6.94
CA THR A 197 9.79 -14.01 5.52
C THR A 197 10.46 -12.66 5.24
N GLY A 198 9.98 -11.63 5.89
CA GLY A 198 10.42 -10.31 5.55
C GLY A 198 11.77 -10.20 6.10
N LEU A 199 11.94 -10.70 7.34
CA LEU A 199 13.25 -10.69 8.00
C LEU A 199 14.29 -11.54 7.24
N ASP A 200 13.87 -12.64 6.63
CA ASP A 200 14.81 -13.43 5.76
C ASP A 200 15.39 -12.57 4.66
N MET A 201 14.52 -11.89 3.92
CA MET A 201 14.97 -10.95 2.91
C MET A 201 16.10 -10.03 3.39
N LEU A 202 15.99 -9.51 4.61
CA LEU A 202 17.00 -8.58 5.14
C LEU A 202 18.33 -9.29 5.41
N ARG A 203 18.26 -10.50 5.95
CA ARG A 203 19.47 -11.24 6.23
C ARG A 203 20.07 -12.07 5.08
N LEU A 204 19.28 -12.32 4.03
CA LEU A 204 19.70 -13.22 2.99
C LEU A 204 19.85 -12.59 1.61
N SER A 205 19.18 -11.46 1.37
CA SER A 205 19.36 -10.77 0.11
C SER A 205 20.74 -10.15 -0.01
N PRO A 206 21.48 -10.55 -1.06
CA PRO A 206 22.76 -9.95 -1.39
C PRO A 206 22.63 -8.67 -2.18
N ALA A 207 21.43 -8.43 -2.73
CA ALA A 207 21.12 -7.17 -3.44
C ALA A 207 20.96 -6.03 -2.45
N LEU A 208 20.65 -6.39 -1.20
CA LEU A 208 20.55 -5.43 -0.10
C LEU A 208 21.88 -5.16 0.58
N ARG A 209 22.97 -5.75 0.05
CA ARG A 209 24.31 -5.56 0.65
C ARG A 209 25.18 -4.55 -0.07
N LYS A 210 26.20 -4.09 0.61
CA LYS A 210 27.32 -3.31 0.04
C LYS A 210 27.30 -1.83 0.51
N LYS B 6 -21.20 7.83 -35.48
CA LYS B 6 -20.61 6.71 -36.27
C LYS B 6 -19.11 6.86 -36.27
N GLU B 7 -18.39 5.79 -35.82
CA GLU B 7 -16.98 5.97 -35.40
C GLU B 7 -16.80 7.41 -34.89
N GLU B 8 -17.88 7.86 -34.16
CA GLU B 8 -17.86 9.15 -33.49
C GLU B 8 -16.84 9.08 -32.35
N ALA B 9 -16.65 7.87 -31.82
CA ALA B 9 -16.08 7.79 -30.48
C ALA B 9 -15.37 6.49 -30.15
N GLN B 10 -14.75 5.83 -31.15
CA GLN B 10 -13.57 5.11 -30.74
C GLN B 10 -12.72 6.23 -30.06
N GLU B 11 -12.93 7.47 -30.58
CA GLU B 11 -12.13 8.65 -30.21
C GLU B 11 -12.53 9.25 -28.88
N THR B 12 -13.83 9.55 -28.72
CA THR B 12 -14.26 10.15 -27.44
C THR B 12 -14.11 9.24 -26.27
N ARG B 13 -14.03 7.94 -26.51
CA ARG B 13 -13.80 7.06 -25.38
C ARG B 13 -12.45 7.34 -24.74
N ALA B 14 -11.43 7.46 -25.58
CA ALA B 14 -10.11 7.71 -25.09
C ALA B 14 -9.98 9.15 -24.62
N GLN B 15 -10.75 10.08 -25.19
CA GLN B 15 -10.76 11.41 -24.57
C GLN B 15 -11.55 11.51 -23.24
N ILE B 16 -12.53 10.63 -23.05
CA ILE B 16 -13.24 10.58 -21.78
C ILE B 16 -12.35 9.97 -20.70
N ILE B 17 -11.63 8.92 -21.04
CA ILE B 17 -10.63 8.33 -20.11
C ILE B 17 -9.48 9.27 -19.75
N GLU B 18 -9.01 10.09 -20.68
CA GLU B 18 -7.98 11.04 -20.36
C GLU B 18 -8.46 12.16 -19.43
N ALA B 19 -9.74 12.50 -19.52
CA ALA B 19 -10.36 13.53 -18.67
C ALA B 19 -10.70 12.95 -17.30
N ALA B 20 -11.04 11.67 -17.27
CA ALA B 20 -11.21 11.00 -16.02
C ALA B 20 -9.92 11.00 -15.20
N GLU B 21 -8.77 10.74 -15.84
CA GLU B 21 -7.49 10.75 -15.16
C GLU B 21 -7.16 12.09 -14.58
N ARG B 22 -7.41 13.16 -15.34
CA ARG B 22 -7.12 14.52 -14.86
C ARG B 22 -8.06 14.93 -13.68
N ALA B 23 -9.37 14.69 -13.84
CA ALA B 23 -10.30 14.98 -12.77
C ALA B 23 -9.94 14.21 -11.54
N PHE B 24 -9.77 12.89 -11.68
CA PHE B 24 -9.39 12.02 -10.55
C PHE B 24 -8.07 12.43 -9.95
N TYR B 25 -7.10 12.77 -10.76
CA TYR B 25 -5.83 13.14 -10.18
C TYR B 25 -5.92 14.42 -9.35
N LYS B 26 -6.78 15.35 -9.79
CA LYS B 26 -6.92 16.67 -9.17
C LYS B 26 -7.84 16.63 -7.92
N ARG B 27 -9.09 16.25 -8.14
CA ARG B 27 -10.07 16.32 -7.08
C ARG B 27 -10.24 14.97 -6.30
N GLY B 28 -9.62 13.91 -6.82
CA GLY B 28 -9.82 12.57 -6.25
C GLY B 28 -11.08 11.88 -6.73
N VAL B 29 -11.12 10.57 -6.64
CA VAL B 29 -12.29 9.81 -7.18
C VAL B 29 -13.61 10.09 -6.42
N ALA B 30 -13.56 10.16 -5.09
CA ALA B 30 -14.77 10.29 -4.27
C ALA B 30 -15.65 11.51 -4.62
N ARG B 31 -15.05 12.65 -4.95
CA ARG B 31 -15.84 13.86 -5.17
C ARG B 31 -16.03 14.27 -6.63
N THR B 32 -15.41 13.50 -7.54
CA THR B 32 -15.55 13.72 -8.98
C THR B 32 -16.87 13.10 -9.41
N THR B 33 -17.69 13.87 -10.11
CA THR B 33 -18.89 13.35 -10.71
C THR B 33 -18.63 13.19 -12.21
N LEU B 34 -19.46 12.39 -12.87
CA LEU B 34 -19.42 12.24 -14.33
C LEU B 34 -19.50 13.57 -14.99
N ALA B 35 -20.19 14.51 -14.37
CA ALA B 35 -20.39 15.80 -14.97
C ALA B 35 -19.10 16.68 -14.99
N ASP B 36 -18.28 16.57 -13.93
CA ASP B 36 -16.91 17.17 -13.92
C ASP B 36 -16.12 16.68 -15.09
N ILE B 37 -16.26 15.39 -15.38
CA ILE B 37 -15.45 14.70 -16.34
C ILE B 37 -15.96 15.09 -17.73
N ALA B 38 -17.29 15.05 -17.90
CA ALA B 38 -17.90 15.42 -19.15
C ALA B 38 -17.53 16.84 -19.50
N GLU B 39 -17.63 17.77 -18.52
CA GLU B 39 -17.18 19.18 -18.74
C GLU B 39 -15.72 19.27 -19.20
N LEU B 40 -14.87 18.46 -18.57
CA LEU B 40 -13.45 18.44 -18.87
C LEU B 40 -13.14 17.83 -20.24
N ALA B 41 -13.93 16.84 -20.64
CA ALA B 41 -13.78 16.21 -21.96
C ALA B 41 -14.40 17.04 -23.07
N GLY B 42 -15.37 17.89 -22.71
CA GLY B 42 -16.08 18.71 -23.70
C GLY B 42 -17.19 17.95 -24.39
N VAL B 43 -17.80 17.02 -23.66
CA VAL B 43 -18.88 16.22 -24.18
C VAL B 43 -20.02 16.30 -23.17
N THR B 44 -21.10 15.57 -23.40
CA THR B 44 -22.25 15.61 -22.49
C THR B 44 -22.19 14.42 -21.60
N ARG B 45 -22.95 14.42 -20.53
CA ARG B 45 -23.00 13.25 -19.70
C ARG B 45 -23.58 12.06 -20.44
N GLY B 46 -24.29 12.31 -21.53
CA GLY B 46 -24.86 11.22 -22.33
C GLY B 46 -23.79 10.59 -23.21
N ALA B 47 -22.84 11.40 -23.69
CA ALA B 47 -21.68 10.88 -24.39
C ALA B 47 -20.87 9.95 -23.51
N ILE B 48 -20.81 10.24 -22.22
CA ILE B 48 -20.15 9.34 -21.26
C ILE B 48 -20.95 8.07 -21.03
N TYR B 49 -22.27 8.19 -20.93
CA TYR B 49 -23.10 7.05 -20.60
C TYR B 49 -23.10 6.03 -21.71
N TRP B 50 -22.75 6.50 -22.90
CA TRP B 50 -22.69 5.66 -24.05
C TRP B 50 -21.55 4.60 -23.94
N HIS B 51 -20.45 4.99 -23.33
CA HIS B 51 -19.29 4.11 -23.17
C HIS B 51 -19.25 3.43 -21.77
N PHE B 52 -19.70 4.15 -20.75
CA PHE B 52 -19.62 3.73 -19.34
C PHE B 52 -20.98 3.93 -18.64
N ASN B 53 -21.41 2.94 -17.88
CA ASN B 53 -22.69 3.03 -17.17
C ASN B 53 -22.57 3.72 -15.81
N ASN B 54 -21.34 4.06 -15.43
CA ASN B 54 -21.11 4.69 -14.15
C ASN B 54 -19.64 4.98 -13.88
N LYS B 55 -19.38 5.71 -12.78
CA LYS B 55 -18.01 6.14 -12.40
C LYS B 55 -17.10 4.99 -12.04
N ALA B 56 -17.64 3.97 -11.37
CA ALA B 56 -16.87 2.77 -11.08
C ALA B 56 -16.34 2.13 -12.37
N GLU B 57 -17.07 2.26 -13.46
CA GLU B 57 -16.68 1.62 -14.73
C GLU B 57 -15.52 2.36 -15.36
N LEU B 58 -15.51 3.67 -15.14
CA LEU B 58 -14.42 4.55 -15.55
C LEU B 58 -13.14 4.27 -14.81
N VAL B 59 -13.24 4.23 -13.48
CA VAL B 59 -12.17 3.78 -12.66
C VAL B 59 -11.62 2.44 -13.15
N GLN B 60 -12.51 1.47 -13.37
CA GLN B 60 -12.11 0.18 -13.95
C GLN B 60 -11.24 0.30 -15.21
N ALA B 61 -11.68 1.13 -16.14
CA ALA B 61 -11.01 1.37 -17.42
C ALA B 61 -9.61 1.90 -17.24
N LEU B 62 -9.44 2.76 -16.24
CA LEU B 62 -8.09 3.26 -15.84
C LEU B 62 -7.25 2.16 -15.25
N LEU B 63 -7.76 1.49 -14.22
CA LEU B 63 -7.07 0.33 -13.63
C LEU B 63 -6.60 -0.64 -14.69
N ASP B 64 -7.55 -1.12 -15.54
CA ASP B 64 -7.27 -2.14 -16.52
C ASP B 64 -6.25 -1.66 -17.52
N SER B 65 -6.18 -0.36 -17.75
CA SER B 65 -5.24 0.15 -18.74
C SER B 65 -3.81 -0.13 -18.41
N LEU B 66 -3.49 -0.26 -17.12
CA LEU B 66 -2.10 -0.65 -16.64
C LEU B 66 -1.53 -2.03 -17.12
N HIS B 67 -2.40 -3.04 -17.34
CA HIS B 67 -1.95 -4.43 -17.67
C HIS B 67 -1.43 -4.55 -19.09
N GLU B 68 -1.92 -3.71 -19.97
CA GLU B 68 -1.56 -3.72 -21.39
C GLU B 68 -0.04 -3.86 -21.63
N THR B 69 0.75 -2.88 -21.15
CA THR B 69 2.16 -2.80 -21.51
C THR B 69 2.92 -4.06 -21.15
N HIS B 70 2.50 -4.72 -20.09
CA HIS B 70 3.20 -5.88 -19.54
C HIS B 70 2.71 -7.21 -20.08
N ASP B 71 1.46 -7.26 -20.49
CA ASP B 71 0.79 -8.45 -21.01
C ASP B 71 1.71 -9.60 -21.49
N HIS B 72 2.66 -9.28 -22.36
CA HIS B 72 3.44 -10.34 -22.99
C HIS B 72 4.41 -11.04 -22.05
N LEU B 73 5.19 -10.24 -21.31
CA LEU B 73 6.07 -10.77 -20.29
C LEU B 73 5.30 -11.49 -19.20
N ALA B 74 4.10 -11.02 -18.92
CA ALA B 74 3.22 -11.66 -17.94
C ALA B 74 2.88 -13.04 -18.43
N ARG B 75 2.18 -13.09 -19.57
CA ARG B 75 1.78 -14.35 -20.20
C ARG B 75 2.99 -15.26 -20.45
N ALA B 76 4.09 -14.68 -20.91
CA ALA B 76 5.30 -15.47 -21.14
C ALA B 76 5.66 -16.24 -19.88
N SER B 77 5.79 -15.50 -18.75
CA SER B 77 6.23 -16.10 -17.49
C SER B 77 5.22 -17.10 -16.84
N GLU B 78 3.95 -17.02 -17.27
CA GLU B 78 2.92 -17.90 -16.74
C GLU B 78 2.71 -19.14 -17.62
N SER B 79 3.78 -19.58 -18.27
CA SER B 79 3.71 -20.58 -19.32
C SER B 79 4.85 -21.60 -19.20
N GLU B 80 4.50 -22.89 -19.15
CA GLU B 80 5.53 -23.97 -19.18
C GLU B 80 6.50 -23.75 -20.31
N ASP B 81 6.00 -23.87 -21.54
CA ASP B 81 6.87 -23.87 -22.73
C ASP B 81 7.99 -22.82 -22.69
N GLU B 82 7.78 -21.74 -21.93
CA GLU B 82 8.83 -20.71 -21.74
C GLU B 82 10.04 -21.29 -21.02
N VAL B 83 11.17 -21.38 -21.73
CA VAL B 83 12.37 -22.02 -21.15
C VAL B 83 12.73 -21.42 -19.78
N ASP B 84 12.27 -20.20 -19.50
CA ASP B 84 12.91 -19.43 -18.45
C ASP B 84 11.99 -18.41 -17.70
N PRO B 85 10.96 -18.95 -16.97
CA PRO B 85 9.89 -18.18 -16.25
C PRO B 85 10.42 -17.07 -15.33
N LEU B 86 11.28 -17.40 -14.38
CA LEU B 86 11.78 -16.44 -13.37
C LEU B 86 12.47 -15.26 -14.06
N GLY B 87 13.02 -15.52 -15.25
CA GLY B 87 13.73 -14.50 -16.01
C GLY B 87 12.78 -13.55 -16.70
N CYS B 88 11.59 -14.03 -17.06
CA CYS B 88 10.54 -13.15 -17.61
C CYS B 88 9.89 -12.30 -16.53
N MET B 89 9.70 -12.91 -15.36
CA MET B 89 9.29 -12.23 -14.16
C MET B 89 10.26 -11.14 -13.77
N ARG B 90 11.57 -11.41 -13.88
CA ARG B 90 12.57 -10.36 -13.69
C ARG B 90 12.39 -9.18 -14.69
N LYS B 91 12.27 -9.50 -15.97
CA LYS B 91 12.07 -8.49 -17.00
C LYS B 91 10.79 -7.72 -16.74
N LEU B 92 9.72 -8.46 -16.51
CA LEU B 92 8.43 -7.86 -16.23
C LEU B 92 8.52 -6.83 -15.13
N LEU B 93 9.15 -7.21 -14.02
CA LEU B 93 9.26 -6.35 -12.87
C LEU B 93 10.03 -5.10 -13.17
N LEU B 94 11.11 -5.24 -13.97
CA LEU B 94 11.97 -4.11 -14.35
C LEU B 94 11.21 -3.14 -15.23
N GLN B 95 10.37 -3.70 -16.10
CA GLN B 95 9.49 -2.89 -16.94
C GLN B 95 8.43 -2.16 -16.11
N VAL B 96 7.85 -2.88 -15.13
CA VAL B 96 6.88 -2.27 -14.21
C VAL B 96 7.50 -1.06 -13.54
N PHE B 97 8.72 -1.18 -13.08
CA PHE B 97 9.33 -0.03 -12.43
C PHE B 97 9.81 1.04 -13.43
N ASN B 98 10.39 0.64 -14.56
CA ASN B 98 10.77 1.61 -15.59
C ASN B 98 9.58 2.42 -16.04
N GLU B 99 8.42 1.77 -16.22
CA GLU B 99 7.24 2.46 -16.71
C GLU B 99 6.59 3.42 -15.71
N LEU B 100 6.70 3.11 -14.43
CA LEU B 100 6.29 3.99 -13.39
C LEU B 100 7.17 5.22 -13.36
N VAL B 101 8.47 5.03 -13.51
CA VAL B 101 9.36 6.18 -13.48
C VAL B 101 9.23 7.10 -14.68
N LEU B 102 9.21 6.51 -15.87
CA LEU B 102 9.24 7.31 -17.08
C LEU B 102 7.86 7.82 -17.50
N ASP B 103 6.84 7.00 -17.34
CA ASP B 103 5.57 7.39 -17.89
C ASP B 103 4.68 8.15 -16.93
N ALA B 104 4.45 9.40 -17.23
CA ALA B 104 3.61 10.24 -16.39
C ALA B 104 2.24 9.63 -16.19
N ARG B 105 1.73 8.97 -17.23
CA ARG B 105 0.41 8.35 -17.28
C ARG B 105 0.26 7.13 -16.33
N THR B 106 1.13 6.15 -16.48
CA THR B 106 1.30 5.08 -15.49
C THR B 106 1.40 5.56 -14.07
N ARG B 107 2.28 6.50 -13.82
CA ARG B 107 2.44 7.05 -12.48
C ARG B 107 1.15 7.69 -11.96
N ARG B 108 0.51 8.53 -12.76
CA ARG B 108 -0.72 9.18 -12.37
C ARG B 108 -1.85 8.20 -12.03
N ILE B 109 -2.02 7.20 -12.84
CA ILE B 109 -3.08 6.22 -12.62
C ILE B 109 -2.78 5.42 -11.38
N ASN B 110 -1.51 5.12 -11.14
CA ASN B 110 -1.07 4.44 -9.91
C ASN B 110 -1.27 5.32 -8.70
N GLU B 111 -0.96 6.57 -8.85
CA GLU B 111 -1.20 7.59 -7.78
C GLU B 111 -2.70 7.69 -7.44
N ILE B 112 -3.58 7.59 -8.47
CA ILE B 112 -5.01 7.65 -8.28
C ILE B 112 -5.51 6.40 -7.56
N LEU B 113 -5.09 5.26 -8.06
CA LEU B 113 -5.31 3.96 -7.44
C LEU B 113 -4.94 3.84 -5.98
N HIS B 114 -3.68 4.15 -5.68
CA HIS B 114 -3.17 4.07 -4.34
C HIS B 114 -3.59 5.18 -3.39
N HIS B 115 -3.66 6.44 -3.86
CA HIS B 115 -3.75 7.54 -2.91
C HIS B 115 -4.95 8.44 -3.10
N LYS B 116 -5.75 8.17 -4.12
CA LYS B 116 -6.86 9.08 -4.47
C LYS B 116 -8.11 8.42 -4.79
N CYS B 117 -8.25 7.16 -4.39
CA CYS B 117 -9.48 6.37 -4.67
C CYS B 117 -9.99 5.64 -3.39
N GLU B 118 -11.00 6.20 -2.70
CA GLU B 118 -11.49 5.58 -1.45
C GLU B 118 -12.42 4.44 -1.71
N PHE B 119 -12.41 3.45 -0.79
CA PHE B 119 -13.43 2.38 -0.70
C PHE B 119 -14.49 2.74 0.32
N THR B 120 -15.65 3.11 -0.15
CA THR B 120 -16.76 3.42 0.76
C THR B 120 -18.02 2.59 0.33
N ASP B 121 -18.86 2.12 1.28
CA ASP B 121 -20.05 1.26 0.89
C ASP B 121 -21.17 1.99 0.09
N ASP B 122 -20.86 3.17 -0.39
CA ASP B 122 -21.67 3.83 -1.35
C ASP B 122 -21.03 3.84 -2.71
N MET B 123 -20.03 3.01 -2.89
CA MET B 123 -19.78 2.40 -4.18
C MET B 123 -18.82 1.28 -4.02
N CYS B 124 -19.33 0.11 -3.72
CA CYS B 124 -18.47 -0.98 -3.38
C CYS B 124 -17.99 -1.76 -4.57
N GLU B 125 -18.37 -1.32 -5.74
CA GLU B 125 -17.79 -1.91 -6.92
C GLU B 125 -16.34 -1.51 -7.05
N ILE B 126 -15.92 -0.49 -6.34
CA ILE B 126 -14.52 -0.05 -6.39
C ILE B 126 -13.70 -1.03 -5.58
N ARG B 127 -14.14 -1.32 -4.36
CA ARG B 127 -13.41 -2.29 -3.56
C ARG B 127 -13.53 -3.68 -4.19
N GLN B 128 -14.71 -3.99 -4.73
CA GLN B 128 -14.99 -5.30 -5.39
C GLN B 128 -14.10 -5.56 -6.57
N GLN B 129 -14.04 -4.60 -7.47
CA GLN B 129 -13.17 -4.62 -8.64
C GLN B 129 -11.65 -4.74 -8.28
N ARG B 130 -11.22 -3.98 -7.29
CA ARG B 130 -9.91 -4.15 -6.71
C ARG B 130 -9.60 -5.55 -6.16
N GLN B 131 -10.52 -6.12 -5.38
CA GLN B 131 -10.34 -7.52 -4.89
C GLN B 131 -10.11 -8.50 -6.03
N SER B 132 -10.93 -8.38 -7.05
CA SER B 132 -10.93 -9.26 -8.13
C SER B 132 -9.61 -9.10 -8.89
N ALA B 133 -9.23 -7.85 -9.11
CA ALA B 133 -7.92 -7.51 -9.77
C ALA B 133 -6.69 -8.15 -9.13
N VAL B 134 -6.69 -8.16 -7.81
CA VAL B 134 -5.54 -8.62 -7.03
C VAL B 134 -5.58 -10.14 -6.91
N LEU B 135 -6.76 -10.74 -6.83
CA LEU B 135 -6.79 -12.20 -6.89
C LEU B 135 -6.30 -12.68 -8.27
N ASP B 136 -6.78 -12.02 -9.33
CA ASP B 136 -6.31 -12.30 -10.72
C ASP B 136 -4.79 -12.29 -10.77
N CYS B 137 -4.22 -11.17 -10.34
CA CYS B 137 -2.78 -10.96 -10.30
C CYS B 137 -2.07 -12.03 -9.48
N HIS B 138 -2.72 -12.46 -8.41
CA HIS B 138 -2.22 -13.51 -7.56
C HIS B 138 -2.10 -14.86 -8.30
N LYS B 139 -3.20 -15.34 -8.89
CA LYS B 139 -3.13 -16.59 -9.73
C LYS B 139 -1.96 -16.53 -10.69
N GLY B 140 -1.80 -15.40 -11.36
CA GLY B 140 -0.63 -15.12 -12.19
C GLY B 140 0.72 -15.32 -11.53
N ILE B 141 0.95 -14.62 -10.43
CA ILE B 141 2.22 -14.74 -9.69
C ILE B 141 2.48 -16.19 -9.26
N THR B 142 1.42 -16.90 -8.88
CA THR B 142 1.55 -18.29 -8.39
C THR B 142 1.99 -19.27 -9.50
N LEU B 143 1.45 -19.11 -10.71
CA LEU B 143 1.94 -19.85 -11.88
C LEU B 143 3.40 -19.55 -12.13
N ALA B 144 3.70 -18.31 -12.45
CA ALA B 144 5.05 -17.91 -12.70
C ALA B 144 5.96 -18.60 -11.69
N LEU B 145 5.47 -18.68 -10.45
CA LEU B 145 6.23 -19.25 -9.31
C LEU B 145 6.45 -20.78 -9.35
N ALA B 146 5.39 -21.53 -9.70
CA ALA B 146 5.48 -22.97 -9.89
C ALA B 146 6.33 -23.34 -11.11
N ASN B 147 6.10 -22.64 -12.23
CA ASN B 147 6.91 -22.81 -13.48
C ASN B 147 8.40 -22.60 -13.28
N ALA B 148 8.78 -21.57 -12.53
CA ALA B 148 10.16 -21.38 -12.15
C ALA B 148 10.63 -22.62 -11.37
N VAL B 149 9.74 -23.16 -10.54
CA VAL B 149 10.10 -24.22 -9.61
C VAL B 149 10.29 -25.54 -10.34
N ARG B 150 9.32 -25.87 -11.18
CA ARG B 150 9.44 -27.01 -12.05
C ARG B 150 10.33 -26.61 -13.19
N ARG B 151 11.48 -26.02 -12.86
CA ARG B 151 12.48 -25.62 -13.86
C ARG B 151 13.81 -25.37 -13.16
N GLY B 152 13.91 -25.86 -11.92
CA GLY B 152 15.15 -25.71 -11.15
C GLY B 152 15.51 -24.25 -10.85
N GLN B 153 14.66 -23.31 -11.28
CA GLN B 153 14.90 -21.90 -10.96
C GLN B 153 14.44 -21.50 -9.56
N LEU B 154 14.11 -22.49 -8.72
CA LEU B 154 13.11 -22.25 -7.72
C LEU B 154 13.05 -23.26 -6.57
N PRO B 155 13.69 -22.94 -5.41
CA PRO B 155 13.83 -23.92 -4.35
C PRO B 155 12.62 -24.81 -4.20
N GLY B 156 12.81 -26.09 -4.53
CA GLY B 156 11.74 -27.05 -4.75
C GLY B 156 10.71 -27.08 -3.66
N GLU B 157 10.94 -26.39 -2.55
CA GLU B 157 9.81 -26.22 -1.68
C GLU B 157 9.27 -24.85 -1.25
N LEU B 158 9.42 -23.84 -2.09
CA LEU B 158 8.55 -22.65 -1.92
C LEU B 158 7.16 -23.15 -1.62
N ASP B 159 6.58 -22.62 -0.54
CA ASP B 159 5.16 -22.45 -0.53
C ASP B 159 4.92 -21.37 -1.60
N ALA B 160 4.33 -21.77 -2.72
CA ALA B 160 4.03 -20.86 -3.84
C ALA B 160 3.12 -19.77 -3.43
N GLU B 161 1.92 -20.16 -3.00
CA GLU B 161 0.86 -19.24 -2.67
C GLU B 161 1.32 -18.13 -1.71
N ARG B 162 2.19 -18.48 -0.79
CA ARG B 162 2.65 -17.52 0.16
C ARG B 162 3.77 -16.71 -0.40
N ALA B 163 4.59 -17.33 -1.26
CA ALA B 163 5.66 -16.63 -1.93
C ALA B 163 5.03 -15.56 -2.77
N ALA B 164 3.89 -15.90 -3.40
CA ALA B 164 3.16 -15.00 -4.30
C ALA B 164 2.59 -13.80 -3.56
N VAL B 165 2.03 -14.05 -2.41
CA VAL B 165 1.53 -13.01 -1.59
C VAL B 165 2.65 -12.12 -1.11
N ALA B 166 3.82 -12.69 -0.84
CA ALA B 166 4.93 -11.91 -0.23
C ALA B 166 5.47 -11.00 -1.28
N MET B 167 5.36 -11.48 -2.49
CA MET B 167 5.92 -10.81 -3.63
C MET B 167 5.10 -9.65 -4.07
N PHE B 168 3.84 -9.90 -4.30
CA PHE B 168 2.92 -8.83 -4.55
C PHE B 168 3.03 -7.77 -3.46
N ALA B 169 3.09 -8.19 -2.20
CA ALA B 169 3.17 -7.22 -1.06
C ALA B 169 4.39 -6.35 -1.12
N TYR B 170 5.51 -6.89 -1.56
CA TYR B 170 6.75 -6.14 -1.52
C TYR B 170 6.77 -5.15 -2.67
N VAL B 171 6.38 -5.63 -3.83
CA VAL B 171 6.29 -4.79 -5.02
C VAL B 171 5.22 -3.72 -4.84
N ASP B 172 4.04 -4.12 -4.40
CA ASP B 172 3.00 -3.14 -4.10
C ASP B 172 3.50 -2.08 -3.13
N GLY B 173 4.10 -2.47 -1.98
CA GLY B 173 4.44 -1.43 -0.97
C GLY B 173 5.58 -0.60 -1.39
N LEU B 174 6.43 -1.17 -2.27
CA LEU B 174 7.56 -0.38 -2.82
C LEU B 174 7.08 0.69 -3.78
N ILE B 175 6.13 0.32 -4.61
CA ILE B 175 5.56 1.29 -5.54
C ILE B 175 4.90 2.44 -4.79
N ARG B 176 3.98 2.10 -3.89
CA ARG B 176 3.32 3.09 -3.07
C ARG B 176 4.32 3.91 -2.30
N ARG B 177 5.41 3.29 -1.87
CA ARG B 177 6.54 4.01 -1.16
C ARG B 177 7.17 5.09 -2.08
N TRP B 178 7.53 4.70 -3.28
CA TRP B 178 8.06 5.60 -4.23
C TRP B 178 7.08 6.68 -4.60
N LEU B 179 5.78 6.36 -4.66
CA LEU B 179 4.81 7.39 -4.86
C LEU B 179 4.70 8.41 -3.71
N LEU B 180 4.88 7.94 -2.48
CA LEU B 180 4.86 8.83 -1.34
C LEU B 180 6.15 9.66 -1.29
N LEU B 181 7.28 9.00 -1.40
CA LEU B 181 8.57 9.69 -1.28
C LEU B 181 9.54 9.21 -2.38
N PRO B 182 9.46 9.83 -3.58
CA PRO B 182 10.26 9.41 -4.71
C PRO B 182 11.75 9.56 -4.48
N ASP B 183 12.18 10.68 -3.89
CA ASP B 183 13.61 10.95 -3.74
C ASP B 183 14.20 10.16 -2.57
N SER B 184 13.61 9.02 -2.27
CA SER B 184 14.04 8.16 -1.16
C SER B 184 14.10 6.71 -1.65
N VAL B 185 13.81 6.52 -2.92
CA VAL B 185 13.87 5.25 -3.57
C VAL B 185 14.31 5.67 -4.94
N ASP B 186 15.62 5.78 -5.15
CA ASP B 186 16.10 5.97 -6.51
C ASP B 186 15.75 4.75 -7.32
N LEU B 187 14.46 4.65 -7.61
CA LEU B 187 13.87 3.51 -8.31
C LEU B 187 14.45 3.27 -9.70
N LEU B 188 14.70 4.33 -10.46
CA LEU B 188 15.27 4.17 -11.80
C LEU B 188 16.71 3.82 -11.66
N GLY B 189 17.48 4.71 -11.06
CA GLY B 189 18.91 4.48 -10.87
C GLY B 189 19.30 3.07 -10.46
N ASP B 190 18.55 2.47 -9.53
CA ASP B 190 18.90 1.19 -8.93
C ASP B 190 17.82 0.16 -9.19
N VAL B 191 17.18 0.19 -10.36
CA VAL B 191 16.03 -0.71 -10.66
C VAL B 191 16.38 -2.14 -10.35
N GLU B 192 17.54 -2.57 -10.81
CA GLU B 192 17.95 -3.95 -10.67
C GLU B 192 18.05 -4.40 -9.22
N LYS B 193 18.64 -3.58 -8.36
CA LYS B 193 18.75 -3.91 -6.94
C LYS B 193 17.36 -4.10 -6.28
N TRP B 194 16.42 -3.21 -6.62
CA TRP B 194 15.05 -3.32 -6.07
C TRP B 194 14.32 -4.54 -6.52
N VAL B 195 14.43 -4.87 -7.79
CA VAL B 195 13.75 -6.05 -8.35
C VAL B 195 14.34 -7.34 -7.77
N ASP B 196 15.69 -7.40 -7.72
CA ASP B 196 16.44 -8.56 -7.22
C ASP B 196 16.17 -8.81 -5.74
N THR B 197 16.04 -7.72 -4.97
CA THR B 197 15.87 -7.84 -3.54
C THR B 197 14.67 -8.67 -3.26
N GLY B 198 13.65 -8.52 -4.09
CA GLY B 198 12.41 -9.19 -3.88
C GLY B 198 12.45 -10.57 -4.40
N LEU B 199 13.17 -10.76 -5.51
CA LEU B 199 13.42 -12.11 -6.02
C LEU B 199 14.30 -12.92 -5.06
N ASP B 200 15.30 -12.26 -4.44
CA ASP B 200 16.16 -12.94 -3.40
C ASP B 200 15.30 -13.46 -2.25
N MET B 201 14.31 -12.67 -1.83
CA MET B 201 13.30 -13.15 -0.87
C MET B 201 12.65 -14.48 -1.30
N LEU B 202 12.37 -14.64 -2.59
CA LEU B 202 11.52 -15.75 -3.06
C LEU B 202 12.25 -17.12 -3.07
N ARG B 203 13.57 -17.10 -2.94
CA ARG B 203 14.37 -18.30 -3.05
C ARG B 203 15.31 -18.46 -1.87
N LEU B 204 15.88 -17.35 -1.43
CA LEU B 204 16.84 -17.40 -0.36
C LEU B 204 16.20 -17.50 1.01
N SER B 205 14.91 -17.18 1.09
CA SER B 205 14.18 -17.22 2.36
C SER B 205 13.65 -18.60 2.64
N PRO B 206 14.09 -19.20 3.77
CA PRO B 206 13.54 -20.45 4.36
C PRO B 206 12.11 -20.34 4.82
N ALA B 207 11.72 -19.19 5.32
CA ALA B 207 10.38 -19.00 5.86
C ALA B 207 9.29 -19.18 4.81
N LEU B 208 9.59 -18.83 3.56
CA LEU B 208 8.70 -19.10 2.42
C LEU B 208 8.71 -20.55 1.95
N ARG B 209 9.42 -21.41 2.70
CA ARG B 209 9.44 -22.86 2.41
C ARG B 209 8.48 -23.64 3.34
N LYS B 210 7.98 -24.77 2.84
CA LYS B 210 6.84 -25.50 3.46
C LYS B 210 7.10 -25.94 4.88
C1 NAR C . 7.59 -1.76 10.36
C2 NAR C . 8.91 -2.13 10.61
C3 NAR C . 9.57 -1.66 11.76
C4 NAR C . 8.91 -0.84 12.66
C5 NAR C . 7.57 -0.47 12.42
C6 NAR C . 6.92 -0.95 11.28
C7 NAR C . 6.87 0.36 13.31
C8 NAR C . 5.38 0.63 13.17
C9 NAR C . 4.77 -0.41 12.22
O1 NAR C . 5.62 -0.61 11.02
O2 NAR C . 7.46 0.89 14.25
C10 NAR C . 3.27 -0.15 11.79
C11 NAR C . 2.48 1.08 12.32
C12 NAR C . 1.18 1.11 11.83
C13 NAR C . 0.60 0.20 10.98
C14 NAR C . 1.34 -0.87 10.52
C15 NAR C . 2.66 -1.05 10.92
O3 NAR C . -0.68 0.34 10.57
O4 NAR C . 9.58 -2.91 9.75
O5 NAR C . 9.60 -0.38 13.77
C1 NAR D . 3.68 -7.41 -8.89
C2 NAR D . 4.37 -8.59 -8.72
C3 NAR D . 4.46 -9.54 -9.74
C4 NAR D . 3.85 -9.28 -10.98
C5 NAR D . 3.14 -8.07 -11.16
C6 NAR D . 3.06 -7.15 -10.11
C7 NAR D . 2.50 -7.75 -12.35
C8 NAR D . 2.49 -6.25 -12.87
C9 NAR D . 2.76 -5.35 -11.58
O1 NAR D . 2.36 -5.97 -10.28
O2 NAR D . 1.88 -8.71 -12.99
C10 NAR D . 2.11 -3.95 -11.65
C11 NAR D . 0.99 -3.67 -12.72
C12 NAR D . 0.58 -2.33 -12.59
C13 NAR D . 1.08 -1.35 -11.66
C14 NAR D . 2.07 -1.66 -10.73
C15 NAR D . 2.58 -2.94 -10.73
O3 NAR D . 0.58 -0.10 -11.64
O4 NAR D . 4.96 -8.82 -7.52
O5 NAR D . 3.95 -10.19 -11.99
#